data_9HD6
#
_entry.id   9HD6
#
_cell.length_a   42.241
_cell.length_b   41.236
_cell.length_c   72.320
_cell.angle_alpha   90.000
_cell.angle_beta   104.660
_cell.angle_gamma   90.000
#
_symmetry.space_group_name_H-M   'P 1 21 1'
#
loop_
_entity.id
_entity.type
_entity.pdbx_description
1 polymer 'Carbonic anhydrase 2'
2 non-polymer 1,2-ETHANEDIOL
3 non-polymer 'ZINC ION'
4 non-polymer 4-fluoranyl-1-oxidanyl-pyridine-2-thione
5 water water
#
_entity_poly.entity_id   1
_entity_poly.type   'polypeptide(L)'
_entity_poly.pdbx_seq_one_letter_code
;MSHHWGYGKHNGPEHWHKDFPIAKGERQSPVDIDTHTAKYDPSLKPLSVSYDQATSLRILNNGHAFNVEFDDSQDKAVLK
GGPLDGTYRLIQFHFHWGSLDGQGSEHTVDKKKYAAELHLVHWNTKYGDFGKAVQQPDGLAVLGIFLKVGSAKPGLQKVV
DVLDSIKTKGKSADFTNFDPRGLLPESLDYWTYPGSLTTPPLLECVTWIVLKEPISVSSEQVLKFRKLNFNGEGEPEELM
VDNWRPAQPLKNRQIKASFK
;
_entity_poly.pdbx_strand_id   AAA
#
loop_
_chem_comp.id
_chem_comp.type
_chem_comp.name
_chem_comp.formula
A1IT7 non-polymer 4-fluoranyl-1-oxidanyl-pyridine-2-thione 'C5 H4 F N O S'
EDO non-polymer 1,2-ETHANEDIOL 'C2 H6 O2'
ZN non-polymer 'ZINC ION' 'Zn 2'
#
# COMPACT_ATOMS: atom_id res chain seq x y z
N HIS A 3 14.84 17.35 -11.16
CA HIS A 3 15.32 16.53 -9.94
C HIS A 3 14.19 16.29 -8.92
N HIS A 4 13.24 15.43 -9.31
CA HIS A 4 11.98 15.07 -8.59
C HIS A 4 12.30 13.92 -7.63
N TRP A 5 11.48 13.70 -6.61
CA TRP A 5 11.68 12.57 -5.67
C TRP A 5 11.60 11.25 -6.43
N GLY A 6 12.28 10.24 -5.90
CA GLY A 6 12.32 8.86 -6.44
C GLY A 6 12.84 7.86 -5.40
N TYR A 7 13.44 6.78 -5.88
CA TYR A 7 14.03 5.69 -5.06
C TYR A 7 15.49 5.45 -5.44
N GLY A 8 16.14 6.37 -6.15
CA GLY A 8 17.59 6.26 -6.46
C GLY A 8 18.51 6.88 -5.41
N LYS A 9 19.84 6.74 -5.60
CA LYS A 9 20.89 7.23 -4.67
C LYS A 9 20.76 8.75 -4.49
N HIS A 10 20.30 9.44 -5.51
CA HIS A 10 20.31 10.92 -5.48
C HIS A 10 18.95 11.49 -5.15
N ASN A 11 17.87 10.71 -5.15
CA ASN A 11 16.52 11.29 -4.96
C ASN A 11 15.64 10.37 -4.08
N GLY A 12 16.23 9.36 -3.43
CA GLY A 12 15.48 8.35 -2.67
C GLY A 12 15.09 8.85 -1.29
N PRO A 13 14.53 7.95 -0.46
CA PRO A 13 13.98 8.32 0.84
C PRO A 13 14.86 9.16 1.80
N GLU A 14 16.19 9.03 1.76
CA GLU A 14 17.06 9.81 2.67
C GLU A 14 17.10 11.30 2.30
N HIS A 15 16.65 11.64 1.08
CA HIS A 15 16.62 13.01 0.47
C HIS A 15 15.25 13.68 0.65
N TRP A 16 14.17 12.91 0.88
CA TRP A 16 12.78 13.42 0.72
C TRP A 16 12.54 14.59 1.71
N HIS A 17 13.18 14.59 2.85
CA HIS A 17 12.99 15.61 3.91
C HIS A 17 13.28 17.03 3.39
N LYS A 18 14.14 17.17 2.42
CA LYS A 18 14.50 18.52 1.90
C LYS A 18 13.28 19.14 1.21
N ASP A 19 12.55 18.41 0.35
CA ASP A 19 11.31 18.97 -0.24
C ASP A 19 10.08 18.78 0.65
N PHE A 20 10.07 17.73 1.49
CA PHE A 20 8.92 17.34 2.35
C PHE A 20 9.38 17.21 3.80
N PRO A 21 9.53 18.33 4.54
CA PRO A 21 10.10 18.26 5.89
C PRO A 21 9.35 17.39 6.92
N ILE A 22 8.08 17.12 6.65
CA ILE A 22 7.24 16.19 7.47
CA ILE A 22 7.23 16.18 7.45
C ILE A 22 7.82 14.77 7.40
N ALA A 23 8.76 14.50 6.48
CA ALA A 23 9.49 13.20 6.42
C ALA A 23 10.11 12.89 7.80
N LYS A 24 10.47 13.91 8.59
CA LYS A 24 11.04 13.65 9.94
C LYS A 24 10.01 13.94 11.02
N GLY A 25 8.70 13.82 10.74
CA GLY A 25 7.62 14.17 11.68
C GLY A 25 7.36 13.09 12.73
N GLU A 26 6.27 13.25 13.48
CA GLU A 26 5.97 12.45 14.66
C GLU A 26 5.13 11.23 14.32
N ARG A 27 4.64 11.08 13.10
CA ARG A 27 3.75 9.90 12.83
C ARG A 27 4.02 9.43 11.39
N GLN A 28 5.29 9.17 11.09
CA GLN A 28 5.70 8.69 9.73
C GLN A 28 5.53 7.19 9.59
N SER A 29 5.33 6.78 8.35
CA SER A 29 5.19 5.37 7.95
C SER A 29 6.17 5.00 6.82
N PRO A 30 6.53 3.72 6.63
CA PRO A 30 6.10 2.59 7.48
C PRO A 30 6.90 2.51 8.79
N VAL A 31 6.60 1.49 9.57
CA VAL A 31 7.26 1.16 10.87
C VAL A 31 7.49 -0.35 10.95
N ASP A 32 8.44 -0.71 11.80
CA ASP A 32 8.64 -2.12 12.16
C ASP A 32 7.53 -2.46 13.15
N ILE A 33 6.81 -3.57 12.91
CA ILE A 33 5.81 -4.10 13.86
C ILE A 33 6.51 -5.13 14.76
N ASP A 34 6.77 -4.72 15.98
CA ASP A 34 7.31 -5.61 17.03
CA ASP A 34 7.31 -5.63 17.02
C ASP A 34 6.11 -6.40 17.62
N THR A 35 6.00 -7.68 17.26
CA THR A 35 4.82 -8.54 17.56
C THR A 35 4.68 -8.77 19.07
N HIS A 36 5.79 -8.66 19.81
CA HIS A 36 5.84 -8.88 21.27
C HIS A 36 5.48 -7.59 22.04
N THR A 37 5.54 -6.42 21.43
CA THR A 37 5.22 -5.10 22.04
C THR A 37 3.81 -4.64 21.63
N ALA A 38 3.27 -5.15 20.53
CA ALA A 38 1.89 -4.75 20.13
C ALA A 38 0.90 -5.21 21.20
N LYS A 39 -0.06 -4.38 21.58
CA LYS A 39 -1.03 -4.73 22.64
C LYS A 39 -2.32 -5.25 21.97
N TYR A 40 -2.74 -6.43 22.37
CA TYR A 40 -4.10 -6.90 22.07
C TYR A 40 -5.07 -5.90 22.69
N ASP A 41 -5.97 -5.41 21.87
CA ASP A 41 -7.07 -4.51 22.30
C ASP A 41 -8.41 -5.22 22.06
N PRO A 42 -9.00 -5.91 23.08
CA PRO A 42 -10.23 -6.70 22.91
C PRO A 42 -11.37 -5.77 22.49
N SER A 43 -11.19 -4.44 22.65
CA SER A 43 -12.25 -3.46 22.30
C SER A 43 -12.25 -3.15 20.79
N LEU A 44 -11.27 -3.58 20.00
CA LEU A 44 -11.34 -3.32 18.54
C LEU A 44 -12.51 -4.10 17.95
N LYS A 45 -13.34 -3.44 17.15
CA LYS A 45 -14.45 -4.08 16.40
C LYS A 45 -13.85 -4.93 15.28
N PRO A 46 -14.58 -5.95 14.77
CA PRO A 46 -14.15 -6.66 13.57
C PRO A 46 -14.04 -5.69 12.38
N LEU A 47 -13.05 -5.91 11.55
CA LEU A 47 -12.89 -5.12 10.33
C LEU A 47 -13.98 -5.54 9.35
N SER A 48 -14.54 -4.56 8.66
CA SER A 48 -15.60 -4.76 7.64
C SER A 48 -15.07 -4.32 6.28
N VAL A 49 -14.77 -5.27 5.41
CA VAL A 49 -14.27 -5.02 4.03
C VAL A 49 -15.43 -5.36 3.09
N SER A 50 -16.09 -4.36 2.53
CA SER A 50 -17.27 -4.57 1.67
C SER A 50 -16.91 -4.17 0.26
N TYR A 51 -16.40 -5.12 -0.54
CA TYR A 51 -15.90 -4.87 -1.91
C TYR A 51 -16.80 -5.51 -3.00
N ASP A 52 -17.97 -6.06 -2.67
CA ASP A 52 -18.85 -6.75 -3.67
C ASP A 52 -19.27 -5.82 -4.83
N GLN A 53 -19.43 -4.53 -4.60
CA GLN A 53 -19.89 -3.58 -5.66
C GLN A 53 -18.74 -2.74 -6.22
N ALA A 54 -17.50 -3.16 -6.01
CA ALA A 54 -16.31 -2.39 -6.41
C ALA A 54 -16.28 -2.23 -7.92
N THR A 55 -16.01 -0.99 -8.36
CA THR A 55 -15.93 -0.62 -9.80
C THR A 55 -14.51 -0.17 -10.17
N SER A 56 -13.66 -1.09 -10.62
CA SER A 56 -12.31 -0.71 -11.10
C SER A 56 -12.51 0.04 -12.43
N LEU A 57 -11.68 1.04 -12.73
CA LEU A 57 -11.78 1.86 -13.96
C LEU A 57 -10.51 1.78 -14.80
N ARG A 58 -9.33 1.80 -14.18
CA ARG A 58 -8.11 2.12 -14.96
C ARG A 58 -6.89 1.72 -14.16
N ILE A 59 -5.83 1.41 -14.89
CA ILE A 59 -4.53 1.12 -14.29
C ILE A 59 -3.53 2.10 -14.89
N LEU A 60 -2.72 2.73 -14.01
CA LEU A 60 -1.77 3.83 -14.35
C LEU A 60 -0.36 3.53 -13.82
N ASN A 61 0.67 3.61 -14.68
CA ASN A 61 2.09 3.70 -14.25
C ASN A 61 2.37 5.18 -13.94
N ASN A 62 2.57 5.55 -12.68
CA ASN A 62 2.76 6.99 -12.31
C ASN A 62 4.23 7.31 -12.15
N GLY A 63 5.14 6.42 -12.56
CA GLY A 63 6.59 6.64 -12.45
C GLY A 63 7.17 6.18 -11.11
N HIS A 64 6.34 5.77 -10.14
CA HIS A 64 6.77 5.31 -8.79
C HIS A 64 6.23 3.91 -8.55
N ALA A 65 5.05 3.64 -9.07
CA ALA A 65 4.30 2.38 -8.89
C ALA A 65 3.25 2.31 -10.00
N PHE A 66 2.34 1.36 -9.93
CA PHE A 66 1.11 1.39 -10.74
C PHE A 66 -0.08 1.43 -9.77
N ASN A 67 -1.09 2.23 -10.13
CA ASN A 67 -2.31 2.40 -9.35
C ASN A 67 -3.45 1.75 -10.13
N VAL A 68 -4.16 0.85 -9.47
CA VAL A 68 -5.46 0.38 -10.01
C VAL A 68 -6.52 1.29 -9.38
N GLU A 69 -7.17 2.08 -10.21
CA GLU A 69 -8.09 3.14 -9.77
C GLU A 69 -9.53 2.64 -9.79
N PHE A 70 -10.32 3.12 -8.84
CA PHE A 70 -11.74 2.75 -8.66
C PHE A 70 -12.65 3.97 -8.77
N ASP A 71 -13.89 3.73 -9.18
CA ASP A 71 -14.95 4.75 -9.15
C ASP A 71 -15.31 4.98 -7.69
N ASP A 72 -14.97 6.14 -7.15
CA ASP A 72 -15.22 6.44 -5.72
C ASP A 72 -16.29 7.52 -5.63
N SER A 73 -17.14 7.63 -6.65
CA SER A 73 -18.22 8.66 -6.72
C SER A 73 -19.47 8.18 -5.97
N GLN A 74 -19.51 6.93 -5.52
CA GLN A 74 -20.60 6.41 -4.63
C GLN A 74 -20.03 5.42 -3.61
N ASP A 75 -20.82 5.06 -2.58
CA ASP A 75 -20.39 4.14 -1.48
C ASP A 75 -20.49 2.73 -2.01
N LYS A 76 -19.52 2.33 -2.79
CA LYS A 76 -19.58 1.06 -3.57
C LYS A 76 -18.62 -0.01 -3.05
N ALA A 77 -17.49 0.40 -2.51
CA ALA A 77 -16.40 -0.42 -1.94
C ALA A 77 -15.92 0.28 -0.68
N VAL A 78 -16.29 -0.19 0.49
CA VAL A 78 -16.05 0.57 1.73
C VAL A 78 -15.33 -0.32 2.76
N LEU A 79 -14.53 0.37 3.53
CA LEU A 79 -13.89 -0.15 4.75
C LEU A 79 -14.48 0.57 5.96
N LYS A 80 -14.83 -0.20 6.97
CA LYS A 80 -15.53 0.25 8.18
C LYS A 80 -15.09 -0.67 9.30
N GLY A 81 -15.40 -0.32 10.54
CA GLY A 81 -15.13 -1.18 11.68
C GLY A 81 -13.66 -1.19 12.00
N GLY A 82 -13.21 -2.19 12.76
CA GLY A 82 -11.84 -2.23 13.30
C GLY A 82 -11.60 -0.99 14.13
N PRO A 83 -10.51 -0.23 13.89
CA PRO A 83 -10.26 1.01 14.61
C PRO A 83 -11.02 2.23 14.06
N LEU A 84 -11.71 2.06 12.94
CA LEU A 84 -12.27 3.20 12.17
C LEU A 84 -13.62 3.64 12.76
N ASP A 85 -13.83 4.96 12.81
CA ASP A 85 -15.14 5.61 13.04
C ASP A 85 -15.60 6.00 11.64
N GLY A 86 -16.81 5.65 11.31
CA GLY A 86 -17.45 5.97 10.02
C GLY A 86 -16.94 5.11 8.86
N THR A 87 -17.06 5.67 7.66
CA THR A 87 -17.02 4.92 6.38
C THR A 87 -15.89 5.47 5.51
N TYR A 88 -15.10 4.58 4.96
CA TYR A 88 -13.95 4.93 4.12
C TYR A 88 -14.13 4.27 2.75
N ARG A 89 -14.03 5.10 1.71
CA ARG A 89 -14.28 4.64 0.33
C ARG A 89 -12.95 4.26 -0.34
N LEU A 90 -12.89 3.09 -0.99
CA LEU A 90 -11.72 2.65 -1.79
C LEU A 90 -11.56 3.57 -3.01
N ILE A 91 -10.35 4.08 -3.20
CA ILE A 91 -10.04 4.99 -4.34
C ILE A 91 -8.99 4.31 -5.23
N GLN A 92 -8.04 3.57 -4.66
CA GLN A 92 -7.05 2.89 -5.51
C GLN A 92 -6.29 1.86 -4.70
N PHE A 93 -5.60 0.96 -5.38
CA PHE A 93 -4.57 0.14 -4.74
C PHE A 93 -3.28 0.21 -5.55
N HIS A 94 -2.18 -0.01 -4.85
CA HIS A 94 -0.86 -0.14 -5.46
C HIS A 94 -0.05 -1.09 -4.65
N PHE A 95 1.15 -1.39 -5.16
CA PHE A 95 2.10 -2.24 -4.43
C PHE A 95 3.41 -1.47 -4.25
N HIS A 96 4.18 -2.00 -3.33
CA HIS A 96 5.62 -1.68 -3.20
C HIS A 96 6.37 -3.00 -3.30
N TRP A 97 7.52 -3.05 -3.99
CA TRP A 97 8.21 -4.35 -4.20
C TRP A 97 9.71 -4.18 -4.36
N GLY A 98 10.38 -5.30 -4.26
CA GLY A 98 11.86 -5.31 -4.27
C GLY A 98 12.44 -5.76 -5.58
N SER A 99 13.77 -5.72 -5.64
CA SER A 99 14.56 -6.23 -6.76
C SER A 99 14.80 -7.73 -6.57
N LEU A 100 14.56 -8.22 -5.34
CA LEU A 100 14.83 -9.60 -4.92
C LEU A 100 13.76 -9.98 -3.92
N ASP A 101 13.48 -11.27 -3.76
CA ASP A 101 12.35 -11.71 -2.91
C ASP A 101 12.60 -11.36 -1.44
N GLY A 102 13.87 -11.13 -1.04
CA GLY A 102 14.24 -10.80 0.36
C GLY A 102 13.89 -9.39 0.82
N GLN A 103 13.38 -8.53 -0.07
CA GLN A 103 13.04 -7.13 0.31
C GLN A 103 11.89 -6.67 -0.55
N GLY A 104 11.27 -5.55 -0.16
CA GLY A 104 10.17 -4.96 -0.93
C GLY A 104 9.08 -4.41 -0.08
N SER A 105 8.74 -5.07 1.05
CA SER A 105 7.67 -4.54 1.92
C SER A 105 8.19 -3.25 2.56
N GLU A 106 7.26 -2.41 2.95
CA GLU A 106 7.51 -1.16 3.72
C GLU A 106 7.43 -1.47 5.20
N HIS A 107 6.29 -1.93 5.66
CA HIS A 107 6.19 -2.46 7.03
C HIS A 107 7.04 -3.70 7.09
N THR A 108 7.57 -3.94 8.28
CA THR A 108 8.31 -5.17 8.61
C THR A 108 7.63 -5.80 9.84
N VAL A 109 7.86 -7.08 10.08
CA VAL A 109 7.28 -7.79 11.24
C VAL A 109 8.45 -8.41 11.99
N ASP A 110 8.75 -7.93 13.18
CA ASP A 110 9.96 -8.37 13.90
C ASP A 110 11.13 -8.29 12.94
N LYS A 111 11.22 -7.18 12.15
CA LYS A 111 12.32 -6.81 11.23
C LYS A 111 12.30 -7.67 9.96
N LYS A 112 11.36 -8.62 9.84
CA LYS A 112 11.23 -9.43 8.60
C LYS A 112 10.69 -8.52 7.48
N LYS A 113 11.36 -8.59 6.35
CA LYS A 113 10.94 -7.92 5.07
CA LYS A 113 10.91 -7.92 5.09
C LYS A 113 10.24 -8.97 4.20
N TYR A 114 9.05 -8.66 3.68
CA TYR A 114 8.33 -9.51 2.71
C TYR A 114 8.75 -9.05 1.32
N ALA A 115 8.41 -9.85 0.30
CA ALA A 115 8.80 -9.58 -1.11
C ALA A 115 8.08 -8.32 -1.63
N ALA A 116 6.90 -8.04 -1.11
CA ALA A 116 6.10 -6.90 -1.58
C ALA A 116 5.02 -6.61 -0.53
N GLU A 117 4.32 -5.51 -0.74
CA GLU A 117 3.22 -5.02 0.14
C GLU A 117 2.19 -4.32 -0.73
N LEU A 118 0.93 -4.75 -0.55
CA LEU A 118 -0.25 -4.19 -1.23
C LEU A 118 -0.84 -3.14 -0.28
N HIS A 119 -1.20 -1.99 -0.84
CA HIS A 119 -1.88 -0.90 -0.13
C HIS A 119 -3.20 -0.61 -0.80
N LEU A 120 -4.29 -0.88 -0.11
CA LEU A 120 -5.63 -0.51 -0.58
C LEU A 120 -6.00 0.77 0.13
N VAL A 121 -6.21 1.83 -0.66
CA VAL A 121 -6.28 3.19 -0.07
C VAL A 121 -7.74 3.63 -0.05
N HIS A 122 -8.23 4.04 1.11
CA HIS A 122 -9.61 4.48 1.31
C HIS A 122 -9.63 5.85 1.98
N TRP A 123 -10.57 6.70 1.56
CA TRP A 123 -10.74 8.03 2.19
C TRP A 123 -12.06 8.10 2.99
N ASN A 124 -11.99 8.84 4.09
CA ASN A 124 -13.09 9.10 5.04
C ASN A 124 -14.17 9.92 4.34
N THR A 125 -15.37 9.35 4.18
CA THR A 125 -16.46 9.99 3.39
C THR A 125 -16.85 11.33 4.05
N LYS A 126 -16.55 11.48 5.55
CA LYS A 126 -16.99 12.77 6.13
C LYS A 126 -16.26 13.98 5.50
N TYR A 127 -15.19 13.80 4.77
CA TYR A 127 -14.43 14.93 4.17
C TYR A 127 -14.72 15.10 2.67
N GLY A 128 -15.62 14.32 2.06
CA GLY A 128 -16.23 14.63 0.75
C GLY A 128 -15.38 14.22 -0.45
N ASP A 129 -14.05 14.42 -0.42
CA ASP A 129 -13.15 13.94 -1.50
C ASP A 129 -11.80 13.60 -0.87
N PHE A 130 -10.95 12.93 -1.64
CA PHE A 130 -9.61 12.45 -1.24
C PHE A 130 -8.69 13.64 -0.91
N GLY A 131 -8.68 14.68 -1.75
CA GLY A 131 -7.86 15.88 -1.55
C GLY A 131 -8.11 16.54 -0.22
N LYS A 132 -9.34 16.58 0.24
CA LYS A 132 -9.63 17.18 1.56
C LYS A 132 -9.31 16.19 2.68
N ALA A 133 -9.55 14.91 2.43
CA ALA A 133 -9.30 13.89 3.45
C ALA A 133 -7.81 13.86 3.83
N VAL A 134 -6.90 14.05 2.86
CA VAL A 134 -5.45 13.89 3.17
C VAL A 134 -4.96 15.02 4.07
N GLN A 135 -5.76 16.06 4.29
CA GLN A 135 -5.45 17.21 5.16
C GLN A 135 -5.94 16.94 6.59
N GLN A 136 -6.48 15.75 6.85
CA GLN A 136 -7.11 15.42 8.15
C GLN A 136 -6.37 14.27 8.80
N PRO A 137 -6.21 14.29 10.13
CA PRO A 137 -5.48 13.22 10.81
C PRO A 137 -6.17 11.86 10.76
N ASP A 138 -7.47 11.87 10.52
CA ASP A 138 -8.23 10.62 10.30
C ASP A 138 -8.80 10.56 8.87
N GLY A 139 -8.08 11.05 7.87
CA GLY A 139 -8.58 11.19 6.50
C GLY A 139 -8.56 9.87 5.73
N LEU A 140 -7.54 9.07 5.93
CA LEU A 140 -7.37 7.85 5.11
C LEU A 140 -7.35 6.63 6.01
N ALA A 141 -7.75 5.49 5.43
CA ALA A 141 -7.46 4.16 6.00
C ALA A 141 -6.79 3.35 4.90
N VAL A 142 -5.56 2.89 5.17
CA VAL A 142 -4.83 2.05 4.20
C VAL A 142 -4.77 0.63 4.78
N LEU A 143 -5.30 -0.31 4.04
CA LEU A 143 -5.25 -1.74 4.33
C LEU A 143 -3.96 -2.27 3.69
N GLY A 144 -2.98 -2.67 4.50
CA GLY A 144 -1.67 -3.19 4.07
C GLY A 144 -1.65 -4.70 4.09
N ILE A 145 -1.25 -5.34 3.00
CA ILE A 145 -1.22 -6.82 2.88
C ILE A 145 0.17 -7.22 2.38
N PHE A 146 0.85 -8.07 3.12
CA PHE A 146 2.18 -8.57 2.73
C PHE A 146 2.08 -9.66 1.66
N LEU A 147 3.02 -9.63 0.70
CA LEU A 147 3.21 -10.68 -0.32
C LEU A 147 4.48 -11.44 -0.01
N LYS A 148 4.38 -12.77 -0.02
CA LYS A 148 5.48 -13.71 0.00
C LYS A 148 5.45 -14.52 -1.30
N VAL A 149 6.59 -15.02 -1.67
CA VAL A 149 6.75 -15.78 -2.91
C VAL A 149 6.56 -17.26 -2.59
N GLY A 150 5.63 -17.84 -3.31
CA GLY A 150 5.36 -19.29 -3.21
C GLY A 150 4.40 -19.69 -4.30
N SER A 151 3.20 -20.08 -3.92
CA SER A 151 2.10 -20.39 -4.87
CA SER A 151 2.12 -20.40 -4.90
C SER A 151 1.57 -19.10 -5.51
N ALA A 152 1.11 -19.21 -6.75
CA ALA A 152 0.47 -18.13 -7.51
C ALA A 152 -0.80 -17.65 -6.79
N LYS A 153 -1.04 -16.34 -6.80
CA LYS A 153 -2.35 -15.77 -6.39
C LYS A 153 -3.20 -15.61 -7.64
N PRO A 154 -4.23 -16.45 -7.87
CA PRO A 154 -4.95 -16.38 -9.14
C PRO A 154 -5.60 -15.02 -9.38
N GLY A 155 -6.15 -14.42 -8.31
CA GLY A 155 -6.88 -13.14 -8.37
C GLY A 155 -5.94 -11.98 -8.72
N LEU A 156 -4.62 -12.20 -8.72
CA LEU A 156 -3.64 -11.15 -9.09
C LEU A 156 -3.34 -11.19 -10.59
N GLN A 157 -3.59 -12.32 -11.28
CA GLN A 157 -3.02 -12.58 -12.62
C GLN A 157 -3.54 -11.49 -13.58
N LYS A 158 -4.79 -11.03 -13.46
CA LYS A 158 -5.33 -10.04 -14.42
C LYS A 158 -4.52 -8.73 -14.32
N VAL A 159 -4.06 -8.40 -13.12
CA VAL A 159 -3.17 -7.23 -12.92
C VAL A 159 -1.84 -7.50 -13.61
N VAL A 160 -1.24 -8.66 -13.38
CA VAL A 160 0.09 -9.04 -13.94
C VAL A 160 -0.01 -8.97 -15.48
N ASP A 161 -1.13 -9.42 -16.07
CA ASP A 161 -1.18 -9.55 -17.55
C ASP A 161 -1.30 -8.18 -18.24
N VAL A 162 -1.73 -7.11 -17.56
CA VAL A 162 -1.89 -5.78 -18.23
C VAL A 162 -0.65 -4.89 -18.05
N LEU A 163 0.37 -5.31 -17.27
CA LEU A 163 1.57 -4.46 -16.98
C LEU A 163 2.39 -4.20 -18.26
N ASP A 164 2.47 -5.16 -19.19
CA ASP A 164 3.15 -4.96 -20.50
C ASP A 164 2.66 -3.68 -21.18
N SER A 165 1.36 -3.35 -21.04
CA SER A 165 0.67 -2.23 -21.71
C SER A 165 0.93 -0.90 -20.96
N ILE A 166 1.47 -0.94 -19.74
CA ILE A 166 1.73 0.32 -18.96
C ILE A 166 3.20 0.32 -18.50
N LYS A 167 4.08 -0.11 -19.39
CA LYS A 167 5.48 -0.36 -19.01
C LYS A 167 6.11 0.91 -18.43
N THR A 168 5.86 2.06 -19.05
CA THR A 168 6.61 3.30 -18.77
C THR A 168 5.71 4.36 -18.12
N LYS A 169 6.36 5.31 -17.49
CA LYS A 169 5.72 6.40 -16.72
C LYS A 169 4.69 7.14 -17.58
N GLY A 170 3.49 7.33 -17.03
CA GLY A 170 2.37 8.08 -17.65
C GLY A 170 1.49 7.23 -18.54
N LYS A 171 1.84 5.98 -18.80
CA LYS A 171 0.92 5.09 -19.55
C LYS A 171 -0.21 4.63 -18.61
N SER A 172 -1.41 4.56 -19.16
CA SER A 172 -2.62 4.01 -18.51
C SER A 172 -3.31 3.02 -19.43
N ALA A 173 -4.21 2.23 -18.88
CA ALA A 173 -5.04 1.28 -19.68
C ALA A 173 -6.39 1.08 -19.00
N ASP A 174 -7.47 1.05 -19.76
CA ASP A 174 -8.80 0.56 -19.27
C ASP A 174 -8.55 -0.67 -18.39
N PHE A 175 -9.21 -0.73 -17.22
CA PHE A 175 -9.06 -1.86 -16.28
C PHE A 175 -10.35 -2.01 -15.50
N THR A 176 -11.39 -2.41 -16.24
CA THR A 176 -12.73 -2.60 -15.66
C THR A 176 -12.89 -4.01 -15.08
N ASN A 177 -13.82 -4.13 -14.12
CA ASN A 177 -14.39 -5.41 -13.62
C ASN A 177 -13.31 -6.18 -12.87
N PHE A 178 -12.29 -5.50 -12.34
CA PHE A 178 -11.30 -6.19 -11.47
C PHE A 178 -11.89 -6.28 -10.08
N ASP A 179 -11.81 -7.46 -9.46
CA ASP A 179 -12.43 -7.69 -8.14
C ASP A 179 -11.33 -7.77 -7.11
N PRO A 180 -11.14 -6.71 -6.26
CA PRO A 180 -10.04 -6.73 -5.29
C PRO A 180 -10.21 -7.77 -4.16
N ARG A 181 -11.40 -8.39 -4.02
CA ARG A 181 -11.58 -9.47 -3.00
C ARG A 181 -10.59 -10.61 -3.34
N GLY A 182 -10.21 -10.77 -4.60
CA GLY A 182 -9.29 -11.84 -5.00
C GLY A 182 -7.86 -11.60 -4.52
N LEU A 183 -7.58 -10.44 -3.89
CA LEU A 183 -6.23 -10.15 -3.35
C LEU A 183 -6.18 -10.36 -1.83
N LEU A 184 -7.28 -10.72 -1.16
CA LEU A 184 -7.30 -10.74 0.34
C LEU A 184 -6.88 -12.11 0.84
N PRO A 185 -6.18 -12.19 1.99
CA PRO A 185 -5.95 -13.47 2.65
C PRO A 185 -7.20 -13.95 3.40
N GLU A 186 -7.15 -15.13 4.02
CA GLU A 186 -8.36 -15.74 4.67
C GLU A 186 -8.72 -14.96 5.91
N SER A 187 -7.69 -14.64 6.70
CA SER A 187 -7.84 -13.98 8.01
C SER A 187 -7.80 -12.44 7.84
N LEU A 188 -8.66 -11.74 8.57
CA LEU A 188 -8.62 -10.24 8.66
C LEU A 188 -7.97 -9.77 9.97
N ASP A 189 -7.28 -10.65 10.70
CA ASP A 189 -6.50 -10.26 11.91
C ASP A 189 -5.47 -9.21 11.44
N TYR A 190 -5.33 -8.17 12.26
CA TYR A 190 -4.59 -6.97 11.89
C TYR A 190 -3.89 -6.33 13.10
N TRP A 191 -2.87 -5.54 12.76
CA TRP A 191 -2.27 -4.50 13.60
C TRP A 191 -2.68 -3.13 13.08
N THR A 192 -2.85 -2.16 13.98
CA THR A 192 -3.23 -0.79 13.57
C THR A 192 -2.42 0.26 14.36
N TYR A 193 -2.09 1.35 13.70
CA TYR A 193 -1.39 2.49 14.32
C TYR A 193 -1.61 3.70 13.44
N PRO A 194 -1.47 4.92 14.01
CA PRO A 194 -1.60 6.17 13.25
C PRO A 194 -0.29 6.47 12.50
N GLY A 195 -0.34 6.68 11.19
CA GLY A 195 0.88 7.01 10.42
C GLY A 195 0.61 7.90 9.23
N SER A 196 1.34 7.64 8.15
CA SER A 196 1.45 8.61 7.04
C SER A 196 1.33 7.92 5.68
N LEU A 197 1.20 8.71 4.61
CA LEU A 197 1.53 8.18 3.26
C LEU A 197 3.00 7.73 3.32
N THR A 198 3.39 6.69 2.58
CA THR A 198 4.82 6.29 2.52
C THR A 198 5.54 6.92 1.33
N THR A 199 4.85 7.73 0.51
CA THR A 199 5.48 8.53 -0.58
C THR A 199 5.17 9.99 -0.32
N PRO A 200 6.05 10.89 -0.80
CA PRO A 200 5.74 12.31 -0.87
C PRO A 200 4.30 12.43 -1.38
N PRO A 201 3.49 13.30 -0.77
CA PRO A 201 3.94 14.29 0.23
C PRO A 201 3.99 13.89 1.73
N LEU A 202 3.94 12.58 1.99
CA LEU A 202 4.17 11.94 3.32
C LEU A 202 3.20 12.50 4.36
N LEU A 203 1.98 12.87 3.95
CA LEU A 203 0.97 13.49 4.85
C LEU A 203 0.57 12.52 5.99
N GLU A 204 0.40 13.06 7.21
CA GLU A 204 0.17 12.29 8.43
C GLU A 204 -1.34 12.16 8.61
N CYS A 205 -1.98 11.43 7.69
CA CYS A 205 -3.45 11.37 7.55
C CYS A 205 -3.98 9.91 7.59
N VAL A 206 -3.12 8.94 7.88
CA VAL A 206 -3.46 7.51 7.66
C VAL A 206 -3.69 6.78 8.98
N THR A 207 -4.82 6.05 9.12
CA THR A 207 -4.95 4.91 10.05
C THR A 207 -4.49 3.68 9.28
N TRP A 208 -3.37 3.14 9.67
CA TRP A 208 -2.84 1.89 9.06
C TRP A 208 -3.53 0.69 9.66
N ILE A 209 -3.89 -0.24 8.78
CA ILE A 209 -4.48 -1.54 9.16
C ILE A 209 -3.66 -2.55 8.37
N VAL A 210 -2.74 -3.20 9.03
CA VAL A 210 -1.79 -4.14 8.43
C VAL A 210 -2.19 -5.56 8.76
N LEU A 211 -2.61 -6.33 7.76
CA LEU A 211 -3.04 -7.73 8.03
C LEU A 211 -1.88 -8.64 8.42
N LYS A 212 -2.11 -9.57 9.36
CA LYS A 212 -1.05 -10.46 9.89
C LYS A 212 -0.75 -11.51 8.83
N GLU A 213 -1.79 -11.96 8.15
CA GLU A 213 -1.64 -13.09 7.21
C GLU A 213 -1.20 -12.56 5.83
N PRO A 214 -0.03 -12.98 5.35
CA PRO A 214 0.34 -12.58 4.00
C PRO A 214 -0.43 -13.39 2.93
N ILE A 215 -0.45 -12.88 1.70
CA ILE A 215 -0.86 -13.65 0.51
C ILE A 215 0.39 -14.19 -0.14
N SER A 216 0.25 -15.34 -0.79
CA SER A 216 1.35 -15.95 -1.59
C SER A 216 1.16 -15.56 -3.03
N VAL A 217 2.26 -15.11 -3.64
CA VAL A 217 2.29 -14.83 -5.09
C VAL A 217 3.41 -15.67 -5.69
N SER A 218 3.36 -15.92 -7.01
CA SER A 218 4.43 -16.74 -7.64
C SER A 218 5.64 -15.85 -7.99
N SER A 219 6.81 -16.47 -8.03
CA SER A 219 8.05 -15.83 -8.52
CA SER A 219 8.04 -15.82 -8.51
C SER A 219 7.74 -15.20 -9.87
N GLU A 220 7.01 -15.93 -10.76
CA GLU A 220 6.67 -15.39 -12.12
C GLU A 220 5.79 -14.13 -12.00
N GLN A 221 4.86 -14.06 -11.05
CA GLN A 221 4.02 -12.84 -10.84
C GLN A 221 4.90 -11.66 -10.40
N VAL A 222 5.76 -11.82 -9.41
CA VAL A 222 6.57 -10.64 -8.96
CA VAL A 222 6.59 -10.67 -8.94
C VAL A 222 7.61 -10.31 -10.05
N LEU A 223 8.11 -11.29 -10.79
CA LEU A 223 9.09 -11.02 -11.91
C LEU A 223 8.47 -10.00 -12.87
N LYS A 224 7.17 -10.11 -13.14
CA LYS A 224 6.44 -9.21 -14.06
C LYS A 224 6.33 -7.82 -13.44
N PHE A 225 6.12 -7.64 -12.11
CA PHE A 225 6.19 -6.30 -11.45
C PHE A 225 7.55 -5.67 -11.79
N ARG A 226 8.59 -6.48 -11.78
CA ARG A 226 9.99 -5.96 -11.87
C ARG A 226 10.36 -5.63 -13.33
N LYS A 227 9.49 -5.88 -14.32
CA LYS A 227 9.76 -5.55 -15.73
C LYS A 227 9.22 -4.15 -16.01
N LEU A 228 8.48 -3.57 -15.07
CA LEU A 228 7.97 -2.19 -15.24
C LEU A 228 9.14 -1.22 -15.23
N ASN A 229 8.87 0.01 -15.71
CA ASN A 229 9.90 1.07 -15.79
C ASN A 229 9.50 2.26 -14.92
N PHE A 230 10.47 2.87 -14.20
CA PHE A 230 10.25 4.20 -13.59
C PHE A 230 10.24 5.27 -14.70
N ASN A 231 11.04 5.07 -15.75
CA ASN A 231 11.28 6.11 -16.79
C ASN A 231 10.10 6.20 -17.75
N GLY A 232 10.02 7.28 -18.49
CA GLY A 232 9.01 7.36 -19.57
C GLY A 232 9.50 6.73 -20.84
N GLU A 233 8.57 6.55 -21.80
CA GLU A 233 8.82 5.94 -23.13
C GLU A 233 9.95 6.69 -23.82
N GLY A 234 10.88 5.94 -24.42
CA GLY A 234 12.05 6.47 -25.14
C GLY A 234 13.06 7.16 -24.23
N GLU A 235 13.01 6.92 -22.92
CA GLU A 235 14.09 7.30 -21.97
C GLU A 235 14.90 6.06 -21.62
N PRO A 236 16.14 6.22 -21.12
CA PRO A 236 16.95 5.10 -20.62
C PRO A 236 16.17 4.27 -19.60
N GLU A 237 16.31 2.97 -19.73
CA GLU A 237 15.48 2.02 -18.98
C GLU A 237 16.02 2.00 -17.56
N GLU A 238 15.16 2.36 -16.63
CA GLU A 238 15.39 2.12 -15.18
C GLU A 238 14.27 1.22 -14.64
N LEU A 239 14.58 -0.02 -14.28
CA LEU A 239 13.52 -0.96 -13.83
C LEU A 239 12.89 -0.40 -12.55
N MET A 240 11.57 -0.49 -12.53
CA MET A 240 10.73 -0.15 -11.36
C MET A 240 10.88 -1.28 -10.33
N VAL A 241 11.90 -1.12 -9.46
CA VAL A 241 12.24 -2.08 -8.39
C VAL A 241 12.65 -1.27 -7.15
N ASP A 242 12.41 -1.84 -5.98
CA ASP A 242 12.81 -1.25 -4.70
C ASP A 242 12.13 0.11 -4.55
N ASN A 243 10.84 0.17 -4.89
CA ASN A 243 10.01 1.39 -4.69
C ASN A 243 9.38 1.38 -3.28
N TRP A 244 10.17 1.05 -2.25
CA TRP A 244 9.75 0.96 -0.84
C TRP A 244 10.56 1.96 0.01
N ARG A 245 9.87 2.58 0.94
CA ARG A 245 10.47 3.40 2.00
C ARG A 245 10.79 2.48 3.16
N PRO A 246 11.98 2.61 3.76
CA PRO A 246 12.27 1.81 4.95
C PRO A 246 11.54 2.28 6.23
N ALA A 247 11.63 1.44 7.25
CA ALA A 247 11.00 1.65 8.58
C ALA A 247 11.50 2.96 9.19
N GLN A 248 10.55 3.74 9.71
CA GLN A 248 10.72 5.06 10.35
C GLN A 248 10.55 4.92 11.86
N PRO A 249 11.04 5.90 12.65
CA PRO A 249 10.91 5.89 14.11
C PRO A 249 9.46 5.83 14.59
N LEU A 250 9.20 4.91 15.51
CA LEU A 250 7.84 4.75 16.08
C LEU A 250 7.48 5.99 16.89
N LYS A 251 8.44 6.62 17.58
CA LYS A 251 8.21 7.81 18.45
C LYS A 251 7.08 7.47 19.42
N ASN A 252 6.18 8.41 19.67
CA ASN A 252 5.14 8.30 20.71
C ASN A 252 3.93 7.56 20.12
N ARG A 253 4.09 6.30 19.69
CA ARG A 253 2.94 5.60 19.08
C ARG A 253 2.89 4.16 19.59
N GLN A 254 1.66 3.64 19.68
CA GLN A 254 1.32 2.29 20.17
C GLN A 254 0.71 1.57 18.97
N ILE A 255 1.25 0.40 18.64
CA ILE A 255 0.64 -0.52 17.67
C ILE A 255 -0.29 -1.44 18.46
N LYS A 256 -1.54 -1.53 18.02
CA LYS A 256 -2.56 -2.41 18.63
C LYS A 256 -2.82 -3.57 17.67
N ALA A 257 -3.07 -4.72 18.26
CA ALA A 257 -3.36 -6.00 17.58
C ALA A 257 -4.84 -6.31 17.83
N SER A 258 -5.49 -6.79 16.77
CA SER A 258 -6.92 -7.17 16.84
C SER A 258 -7.08 -8.57 17.42
N PHE A 259 -5.98 -9.26 17.65
CA PHE A 259 -5.97 -10.70 17.98
C PHE A 259 -5.03 -10.99 19.17
N LYS A 260 -5.39 -12.00 19.99
CA LYS A 260 -4.61 -12.63 21.09
C LYS A 260 -3.39 -13.33 20.48
C1 EDO B . 14.77 2.24 -0.67
O1 EDO B . 14.39 1.67 0.53
C2 EDO B . 14.85 1.25 -1.75
O2 EDO B . 14.90 1.88 -3.02
ZN ZN C . 1.77 2.63 -0.59
C7 A1IT7 D . -1.21 6.02 0.05
C8 A1IT7 D . 0.12 5.44 -0.15
C5 A1IT7 D . -1.66 6.89 -0.88
C4 A1IT7 D . -0.97 7.23 -2.04
C3 A1IT7 D . 0.28 6.77 -2.18
O1 A1IT7 D . 2.05 5.40 -1.50
N2 A1IT7 D . 0.76 5.88 -1.28
F6 A1IT7 D . -2.85 7.50 -0.67
S9 A1IT7 D . 0.86 4.29 0.82
#